data_2N0V
#
_entry.id   2N0V
#
_entity_poly.entity_id   1
_entity_poly.type   'polypeptide(L)'
_entity_poly.pdbx_seq_one_letter_code
;SVAGRAQGM(NH2)
;
_entity_poly.pdbx_strand_id   A
#
# COMPACT_ATOMS: atom_id res chain seq x y z
N SER A 1 0.48 -5.92 4.71
CA SER A 1 -0.62 -5.07 5.25
C SER A 1 -1.12 -4.11 4.17
N VAL A 2 -2.28 -3.53 4.37
CA VAL A 2 -2.83 -2.59 3.36
C VAL A 2 -1.89 -1.40 3.18
N ALA A 3 -1.06 -1.12 4.15
CA ALA A 3 -0.13 0.03 4.03
C ALA A 3 0.73 -0.10 2.76
N GLY A 4 0.79 -1.28 2.19
CA GLY A 4 1.60 -1.47 0.95
C GLY A 4 0.88 -0.80 -0.23
N ARG A 5 -0.42 -0.81 -0.22
CA ARG A 5 -1.18 -0.18 -1.33
C ARG A 5 -1.52 1.27 -0.99
N ALA A 6 -1.23 1.71 0.21
CA ALA A 6 -1.53 3.12 0.59
C ALA A 6 -0.92 4.08 -0.43
N GLN A 7 0.17 3.69 -1.04
CA GLN A 7 0.82 4.56 -2.07
C GLN A 7 0.66 3.93 -3.44
N GLY A 8 0.51 2.62 -3.50
CA GLY A 8 0.36 1.94 -4.81
C GLY A 8 1.68 1.27 -5.19
N MET A 9 2.28 0.55 -4.28
CA MET A 9 3.56 -0.13 -4.59
C MET A 9 3.52 -1.59 -4.13
N SER A 1 -0.58 -6.17 3.73
CA SER A 1 -0.77 -4.99 4.62
C SER A 1 -1.43 -3.85 3.85
N VAL A 2 -2.03 -2.92 4.55
CA VAL A 2 -2.69 -1.77 3.85
C VAL A 2 -1.64 -0.80 3.32
N ALA A 3 -0.56 -0.63 4.02
CA ALA A 3 0.51 0.31 3.54
C ALA A 3 1.06 -0.17 2.20
N GLY A 4 0.95 -1.44 1.91
CA GLY A 4 1.47 -1.96 0.62
C GLY A 4 0.73 -1.29 -0.54
N ARG A 5 -0.55 -1.08 -0.39
CA ARG A 5 -1.33 -0.42 -1.48
C ARG A 5 -1.76 0.98 -1.06
N ALA A 6 -1.50 1.36 0.17
CA ALA A 6 -1.90 2.73 0.63
C ALA A 6 -1.34 3.77 -0.34
N GLN A 7 -0.16 3.54 -0.85
CA GLN A 7 0.44 4.49 -1.83
C GLN A 7 0.50 3.84 -3.21
N GLY A 8 0.45 2.53 -3.27
CA GLY A 8 0.51 1.83 -4.58
C GLY A 8 1.91 1.28 -4.80
N MET A 9 2.44 0.58 -3.85
CA MET A 9 3.81 0.01 -4.01
C MET A 9 3.79 -1.51 -3.82
N SER A 1 0.65 -5.89 3.82
CA SER A 1 -0.57 -5.34 4.49
C SER A 1 -1.19 -4.23 3.63
N VAL A 2 -2.21 -3.59 4.13
CA VAL A 2 -2.87 -2.50 3.35
C VAL A 2 -1.90 -1.32 3.20
N ALA A 3 -1.02 -1.15 4.14
CA ALA A 3 -0.04 -0.02 4.05
C ALA A 3 0.81 -0.14 2.78
N GLY A 4 0.80 -1.30 2.16
CA GLY A 4 1.61 -1.48 0.92
C GLY A 4 0.90 -0.83 -0.27
N ARG A 5 -0.41 -0.80 -0.23
CA ARG A 5 -1.18 -0.19 -1.35
C ARG A 5 -1.54 1.27 -1.02
N ALA A 6 -1.28 1.70 0.19
CA ALA A 6 -1.61 3.11 0.57
C ALA A 6 -0.99 4.07 -0.45
N GLN A 7 0.11 3.70 -1.02
CA GLN A 7 0.77 4.57 -2.04
C GLN A 7 0.68 3.92 -3.42
N GLY A 8 0.51 2.62 -3.47
CA GLY A 8 0.40 1.92 -4.78
C GLY A 8 1.70 1.16 -5.06
N MET A 9 2.18 0.42 -4.09
CA MET A 9 3.45 -0.35 -4.30
C MET A 9 3.17 -1.85 -4.20
N SER A 1 1.01 -5.59 2.83
CA SER A 1 -0.19 -5.39 3.70
C SER A 1 -1.03 -4.23 3.17
N VAL A 2 -2.02 -3.82 3.91
CA VAL A 2 -2.88 -2.68 3.46
C VAL A 2 -2.03 -1.42 3.25
N ALA A 3 -1.08 -1.20 4.11
CA ALA A 3 -0.21 0.02 3.96
C ALA A 3 0.63 -0.09 2.68
N GLY A 4 0.81 -1.28 2.17
CA GLY A 4 1.61 -1.44 0.93
C GLY A 4 0.91 -0.74 -0.23
N ARG A 5 -0.39 -0.81 -0.27
CA ARG A 5 -1.14 -0.13 -1.37
C ARG A 5 -1.48 1.32 -0.97
N ALA A 6 -1.11 1.73 0.21
CA ALA A 6 -1.41 3.14 0.63
C ALA A 6 -0.89 4.10 -0.43
N GLN A 7 0.20 3.76 -1.06
CA GLN A 7 0.76 4.63 -2.13
C GLN A 7 0.65 3.93 -3.49
N GLY A 8 0.48 2.63 -3.48
CA GLY A 8 0.37 1.89 -4.77
C GLY A 8 1.63 1.08 -5.01
N MET A 9 2.29 0.66 -3.96
CA MET A 9 3.53 -0.15 -4.13
C MET A 9 4.03 -0.64 -2.77
N SER A 1 -0.33 -5.71 1.52
CA SER A 1 -1.11 -5.30 2.73
C SER A 1 -1.68 -3.89 2.54
N VAL A 2 -2.49 -3.45 3.47
CA VAL A 2 -3.08 -2.08 3.34
C VAL A 2 -1.97 -1.02 3.30
N ALA A 3 -0.93 -1.21 4.07
CA ALA A 3 0.18 -0.22 4.07
C ALA A 3 1.01 -0.34 2.79
N GLY A 4 0.85 -1.43 2.07
CA GLY A 4 1.64 -1.62 0.81
C GLY A 4 0.89 -0.95 -0.35
N ARG A 5 -0.41 -0.87 -0.28
CA ARG A 5 -1.19 -0.23 -1.37
C ARG A 5 -1.56 1.21 -1.01
N ALA A 6 -1.28 1.63 0.21
CA ALA A 6 -1.61 3.03 0.61
C ALA A 6 -1.06 4.00 -0.44
N GLN A 7 0.05 3.65 -1.03
CA GLN A 7 0.65 4.52 -2.09
C GLN A 7 0.60 3.78 -3.44
N GLY A 8 0.37 2.50 -3.42
CA GLY A 8 0.30 1.73 -4.70
C GLY A 8 1.71 1.30 -5.09
N MET A 9 2.40 0.62 -4.22
CA MET A 9 3.78 0.16 -4.54
C MET A 9 3.77 -0.73 -5.79
N SER A 1 -0.51 -6.12 1.07
CA SER A 1 -0.92 -5.62 2.41
C SER A 1 -1.67 -4.28 2.28
N VAL A 2 -2.13 -3.74 3.36
CA VAL A 2 -2.85 -2.43 3.30
C VAL A 2 -1.85 -1.29 3.13
N ALA A 3 -0.94 -1.14 4.06
CA ALA A 3 0.06 -0.04 3.95
C ALA A 3 0.87 -0.19 2.66
N GLY A 4 0.86 -1.35 2.06
CA GLY A 4 1.61 -1.57 0.79
C GLY A 4 0.89 -0.87 -0.35
N ARG A 5 -0.41 -0.82 -0.30
CA ARG A 5 -1.18 -0.15 -1.40
C ARG A 5 -1.54 1.28 -1.00
N ALA A 6 -1.20 1.69 0.20
CA ALA A 6 -1.52 3.09 0.63
C ALA A 6 -1.00 4.08 -0.41
N GLN A 7 0.07 3.73 -1.06
CA GLN A 7 0.64 4.63 -2.11
C GLN A 7 0.53 3.96 -3.49
N GLY A 8 0.50 2.65 -3.52
CA GLY A 8 0.38 1.93 -4.81
C GLY A 8 1.65 1.12 -5.08
N MET A 9 2.29 0.63 -4.04
CA MET A 9 3.53 -0.18 -4.24
C MET A 9 4.00 -0.75 -2.89
N SER A 1 0.02 -6.08 1.75
CA SER A 1 -0.74 -5.60 2.94
C SER A 1 -1.44 -4.28 2.63
N VAL A 2 -2.11 -3.72 3.59
CA VAL A 2 -2.83 -2.42 3.35
C VAL A 2 -1.83 -1.30 3.13
N ALA A 3 -0.91 -1.12 4.04
CA ALA A 3 0.10 -0.04 3.89
C ALA A 3 0.87 -0.22 2.58
N GLY A 4 0.83 -1.40 2.00
CA GLY A 4 1.55 -1.63 0.72
C GLY A 4 0.81 -0.91 -0.41
N ARG A 5 -0.49 -0.85 -0.33
CA ARG A 5 -1.27 -0.15 -1.40
C ARG A 5 -1.59 1.28 -0.99
N ALA A 6 -1.17 1.69 0.18
CA ALA A 6 -1.45 3.09 0.63
C ALA A 6 -1.00 4.08 -0.45
N GLN A 7 0.10 3.80 -1.09
CA GLN A 7 0.59 4.68 -2.17
C GLN A 7 0.52 3.96 -3.51
N GLY A 8 0.47 2.65 -3.49
CA GLY A 8 0.39 1.88 -4.76
C GLY A 8 1.71 1.15 -5.00
N MET A 9 2.30 0.61 -3.97
CA MET A 9 3.59 -0.11 -4.14
C MET A 9 3.33 -1.57 -4.54
N SER A 1 1.06 -5.87 3.00
CA SER A 1 0.00 -5.48 3.97
C SER A 1 -0.92 -4.42 3.36
N VAL A 2 -1.86 -3.92 4.11
CA VAL A 2 -2.79 -2.89 3.57
C VAL A 2 -2.03 -1.59 3.28
N ALA A 3 -1.19 -1.16 4.20
CA ALA A 3 -0.42 0.10 3.98
C ALA A 3 0.46 -0.04 2.72
N GLY A 4 0.67 -1.24 2.25
CA GLY A 4 1.51 -1.42 1.03
C GLY A 4 0.85 -0.72 -0.15
N ARG A 5 -0.46 -0.75 -0.21
CA ARG A 5 -1.17 -0.08 -1.34
C ARG A 5 -1.44 1.39 -1.00
N ALA A 6 -1.15 1.79 0.22
CA ALA A 6 -1.38 3.22 0.60
C ALA A 6 -0.75 4.14 -0.45
N GLN A 7 0.30 3.69 -1.06
CA GLN A 7 0.96 4.51 -2.12
C GLN A 7 0.79 3.83 -3.48
N GLY A 8 0.49 2.56 -3.48
CA GLY A 8 0.29 1.83 -4.76
C GLY A 8 1.64 1.30 -5.26
N MET A 9 2.34 0.57 -4.43
CA MET A 9 3.66 0.02 -4.85
C MET A 9 3.86 -1.39 -4.27
N SER A 1 -0.07 -6.58 4.19
CA SER A 1 -0.68 -5.49 5.00
C SER A 1 -1.52 -4.57 4.11
N VAL A 2 -1.93 -3.44 4.62
CA VAL A 2 -2.75 -2.50 3.80
C VAL A 2 -1.91 -1.28 3.41
N ALA A 3 -1.00 -0.89 4.25
CA ALA A 3 -0.14 0.29 3.93
C ALA A 3 0.66 0.03 2.65
N GLY A 4 0.72 -1.21 2.20
CA GLY A 4 1.48 -1.52 0.96
C GLY A 4 0.80 -0.84 -0.23
N ARG A 5 -0.50 -0.76 -0.21
CA ARG A 5 -1.22 -0.11 -1.35
C ARG A 5 -1.55 1.34 -1.01
N ALA A 6 -1.23 1.79 0.17
CA ALA A 6 -1.52 3.21 0.54
C ALA A 6 -0.95 4.15 -0.53
N GLN A 7 0.14 3.75 -1.12
CA GLN A 7 0.75 4.58 -2.21
C GLN A 7 0.64 3.84 -3.54
N GLY A 8 0.49 2.53 -3.48
CA GLY A 8 0.36 1.74 -4.75
C GLY A 8 1.74 1.20 -5.15
N MET A 9 2.42 0.56 -4.24
CA MET A 9 3.76 0.00 -4.56
C MET A 9 3.95 -1.37 -3.90
N SER A 1 0.04 -5.58 1.56
CA SER A 1 -1.07 -5.38 2.54
C SER A 1 -1.66 -3.98 2.40
N VAL A 2 -2.33 -3.50 3.42
CA VAL A 2 -2.93 -2.14 3.34
C VAL A 2 -1.84 -1.08 3.16
N ALA A 3 -0.91 -1.02 4.07
CA ALA A 3 0.20 -0.02 3.95
C ALA A 3 0.97 -0.24 2.65
N GLY A 4 0.84 -1.40 2.06
CA GLY A 4 1.59 -1.68 0.80
C GLY A 4 0.86 -1.02 -0.37
N ARG A 5 -0.44 -0.91 -0.29
CA ARG A 5 -1.21 -0.27 -1.40
C ARG A 5 -1.60 1.16 -1.03
N ALA A 6 -1.35 1.57 0.19
CA ALA A 6 -1.69 2.96 0.61
C ALA A 6 -1.10 3.96 -0.39
N GLN A 7 0.02 3.63 -0.97
CA GLN A 7 0.66 4.53 -1.97
C GLN A 7 0.57 3.89 -3.36
N GLY A 8 0.47 2.59 -3.42
CA GLY A 8 0.40 1.91 -4.74
C GLY A 8 1.76 1.31 -5.09
N MET A 9 2.35 0.59 -4.17
CA MET A 9 3.69 -0.01 -4.45
C MET A 9 3.75 -1.44 -3.89
N SER A 1 -0.06 -6.11 2.10
CA SER A 1 -0.51 -5.40 3.33
C SER A 1 -1.28 -4.13 2.96
N VAL A 2 -2.09 -3.65 3.86
CA VAL A 2 -2.88 -2.41 3.56
C VAL A 2 -1.94 -1.23 3.30
N ALA A 3 -0.86 -1.16 4.04
CA ALA A 3 0.10 -0.03 3.84
C ALA A 3 0.87 -0.20 2.53
N GLY A 4 0.86 -1.39 1.97
CA GLY A 4 1.58 -1.62 0.69
C GLY A 4 0.84 -0.92 -0.45
N ARG A 5 -0.46 -0.85 -0.38
CA ARG A 5 -1.24 -0.19 -1.46
C ARG A 5 -1.60 1.25 -1.06
N ALA A 6 -1.29 1.65 0.13
CA ALA A 6 -1.60 3.05 0.56
C ALA A 6 -1.06 4.04 -0.45
N GLN A 7 0.07 3.74 -1.02
CA GLN A 7 0.67 4.65 -2.05
C GLN A 7 0.62 3.98 -3.43
N GLY A 8 0.50 2.68 -3.47
CA GLY A 8 0.45 1.97 -4.77
C GLY A 8 1.79 1.28 -5.03
N MET A 9 2.30 0.57 -4.07
CA MET A 9 3.60 -0.13 -4.25
C MET A 9 3.38 -1.63 -4.45
N SER A 1 1.24 -5.53 3.19
CA SER A 1 0.03 -5.32 4.04
C SER A 1 -0.86 -4.23 3.41
N VAL A 2 -1.87 -3.81 4.12
CA VAL A 2 -2.77 -2.75 3.57
C VAL A 2 -1.98 -1.48 3.27
N ALA A 3 -1.00 -1.18 4.09
CA ALA A 3 -0.19 0.06 3.86
C ALA A 3 0.61 -0.07 2.56
N GLY A 4 0.83 -1.28 2.09
CA GLY A 4 1.61 -1.47 0.84
C GLY A 4 0.90 -0.75 -0.32
N ARG A 5 -0.40 -0.80 -0.34
CA ARG A 5 -1.16 -0.12 -1.44
C ARG A 5 -1.50 1.32 -1.05
N ALA A 6 -1.17 1.72 0.16
CA ALA A 6 -1.48 3.13 0.58
C ALA A 6 -0.92 4.11 -0.44
N GLN A 7 0.17 3.77 -1.05
CA GLN A 7 0.77 4.68 -2.08
C GLN A 7 0.66 4.03 -3.46
N GLY A 8 0.56 2.73 -3.52
CA GLY A 8 0.44 2.04 -4.83
C GLY A 8 1.72 1.26 -5.11
N MET A 9 2.21 0.52 -4.16
CA MET A 9 3.45 -0.27 -4.37
C MET A 9 3.21 -1.75 -4.04
N SER A 1 -0.02 -5.76 1.18
CA SER A 1 -0.80 -5.43 2.41
C SER A 1 -1.46 -4.05 2.26
N VAL A 2 -2.23 -3.66 3.23
CA VAL A 2 -2.90 -2.32 3.15
C VAL A 2 -1.85 -1.20 3.10
N ALA A 3 -0.98 -1.16 4.07
CA ALA A 3 0.08 -0.11 4.09
C ALA A 3 0.92 -0.18 2.81
N GLY A 4 0.89 -1.30 2.14
CA GLY A 4 1.68 -1.45 0.88
C GLY A 4 0.92 -0.81 -0.28
N ARG A 5 -0.39 -0.84 -0.23
CA ARG A 5 -1.19 -0.23 -1.33
C ARG A 5 -1.53 1.22 -1.01
N ALA A 6 -1.28 1.66 0.20
CA ALA A 6 -1.59 3.08 0.56
C ALA A 6 -0.97 4.02 -0.46
N GLN A 7 0.13 3.63 -1.04
CA GLN A 7 0.80 4.49 -2.06
C GLN A 7 0.67 3.84 -3.44
N GLY A 8 0.39 2.56 -3.49
CA GLY A 8 0.25 1.86 -4.79
C GLY A 8 1.58 1.18 -5.13
N MET A 9 2.24 0.64 -4.13
CA MET A 9 3.54 -0.04 -4.38
C MET A 9 3.51 -1.46 -3.80
N SER A 1 -0.06 -5.68 3.15
CA SER A 1 -1.21 -5.10 3.91
C SER A 1 -1.69 -3.81 3.25
N VAL A 2 -2.64 -3.14 3.84
CA VAL A 2 -3.15 -1.88 3.25
C VAL A 2 -2.01 -0.85 3.12
N ALA A 3 -1.11 -0.84 4.06
CA ALA A 3 0.02 0.13 4.00
C ALA A 3 0.83 -0.08 2.71
N GLY A 4 0.77 -1.26 2.15
CA GLY A 4 1.53 -1.52 0.89
C GLY A 4 0.81 -0.86 -0.29
N ARG A 5 -0.49 -0.85 -0.25
CA ARG A 5 -1.26 -0.21 -1.37
C ARG A 5 -1.59 1.25 -1.04
N ALA A 6 -1.32 1.68 0.16
CA ALA A 6 -1.61 3.10 0.53
C ALA A 6 -0.98 4.05 -0.49
N GLN A 7 0.18 3.69 -0.98
CA GLN A 7 0.85 4.55 -2.00
C GLN A 7 0.74 3.91 -3.38
N GLY A 8 0.50 2.62 -3.44
CA GLY A 8 0.37 1.93 -4.75
C GLY A 8 1.71 1.31 -5.13
N MET A 9 2.29 0.54 -4.23
CA MET A 9 3.60 -0.10 -4.53
C MET A 9 3.41 -1.33 -5.41
N SER A 1 0.01 -5.99 1.46
CA SER A 1 -0.63 -5.62 2.75
C SER A 1 -1.44 -4.33 2.58
N VAL A 2 -1.93 -3.77 3.66
CA VAL A 2 -2.73 -2.52 3.56
C VAL A 2 -1.82 -1.33 3.21
N ALA A 3 -0.84 -1.06 4.03
CA ALA A 3 0.08 0.07 3.75
C ALA A 3 0.80 -0.16 2.41
N GLY A 4 0.81 -1.38 1.93
CA GLY A 4 1.50 -1.67 0.64
C GLY A 4 0.78 -0.94 -0.50
N ARG A 5 -0.52 -0.83 -0.42
CA ARG A 5 -1.28 -0.14 -1.50
C ARG A 5 -1.63 1.30 -1.08
N ALA A 6 -1.29 1.68 0.13
CA ALA A 6 -1.60 3.07 0.59
C ALA A 6 -1.06 4.08 -0.44
N GLN A 7 0.08 3.78 -1.02
CA GLN A 7 0.67 4.69 -2.03
C GLN A 7 0.65 4.01 -3.41
N GLY A 8 0.52 2.70 -3.44
CA GLY A 8 0.49 1.98 -4.75
C GLY A 8 1.81 1.26 -4.96
N MET A 9 2.26 0.53 -3.97
CA MET A 9 3.55 -0.22 -4.12
C MET A 9 3.29 -1.72 -4.08
N SER A 1 -0.36 -6.22 3.47
CA SER A 1 -0.41 -5.06 4.40
C SER A 1 -1.20 -3.91 3.78
N VAL A 2 -1.96 -3.19 4.58
CA VAL A 2 -2.76 -2.06 4.04
C VAL A 2 -1.83 -1.00 3.45
N ALA A 3 -0.81 -0.63 4.18
CA ALA A 3 0.14 0.41 3.66
C ALA A 3 0.79 -0.07 2.35
N GLY A 4 0.70 -1.34 2.05
CA GLY A 4 1.30 -1.86 0.80
C GLY A 4 0.64 -1.20 -0.41
N ARG A 5 -0.63 -0.94 -0.33
CA ARG A 5 -1.33 -0.29 -1.48
C ARG A 5 -1.71 1.16 -1.12
N ALA A 6 -1.55 1.54 0.12
CA ALA A 6 -1.90 2.94 0.52
C ALA A 6 -1.21 3.93 -0.42
N GLN A 7 -0.04 3.58 -0.89
CA GLN A 7 0.70 4.46 -1.82
C GLN A 7 0.69 3.84 -3.23
N GLY A 8 0.57 2.53 -3.29
CA GLY A 8 0.55 1.86 -4.62
C GLY A 8 1.91 1.21 -4.88
N MET A 9 2.43 0.48 -3.93
CA MET A 9 3.75 -0.18 -4.12
C MET A 9 3.59 -1.71 -4.09
N SER A 1 0.36 -5.61 2.28
CA SER A 1 -0.69 -5.32 3.29
C SER A 1 -1.41 -4.01 2.94
N VAL A 2 -2.26 -3.54 3.82
CA VAL A 2 -2.99 -2.27 3.54
C VAL A 2 -1.99 -1.12 3.35
N ALA A 3 -0.91 -1.14 4.07
CA ALA A 3 0.11 -0.05 3.93
C ALA A 3 0.91 -0.23 2.64
N GLY A 4 0.84 -1.39 2.04
CA GLY A 4 1.60 -1.63 0.78
C GLY A 4 0.87 -0.97 -0.39
N ARG A 5 -0.42 -0.87 -0.32
CA ARG A 5 -1.19 -0.24 -1.43
C ARG A 5 -1.56 1.20 -1.07
N ALA A 6 -1.35 1.61 0.16
CA ALA A 6 -1.69 3.01 0.56
C ALA A 6 -1.07 4.00 -0.43
N GLN A 7 0.05 3.64 -0.99
CA GLN A 7 0.73 4.53 -1.98
C GLN A 7 0.65 3.90 -3.37
N GLY A 8 0.48 2.60 -3.44
CA GLY A 8 0.40 1.92 -4.76
C GLY A 8 1.76 1.34 -5.13
N MET A 9 2.36 0.61 -4.23
CA MET A 9 3.71 0.02 -4.52
C MET A 9 3.65 -1.51 -4.38
N SER A 1 -0.51 -6.76 4.66
CA SER A 1 -0.85 -5.44 5.26
C SER A 1 -1.56 -4.56 4.22
N VAL A 2 -1.96 -3.38 4.61
CA VAL A 2 -2.66 -2.48 3.66
C VAL A 2 -1.78 -1.28 3.31
N ALA A 3 -0.83 -0.97 4.16
CA ALA A 3 0.07 0.19 3.88
C ALA A 3 0.84 -0.03 2.56
N GLY A 4 0.84 -1.24 2.07
CA GLY A 4 1.57 -1.52 0.80
C GLY A 4 0.83 -0.86 -0.37
N ARG A 5 -0.47 -0.79 -0.29
CA ARG A 5 -1.24 -0.16 -1.40
C ARG A 5 -1.60 1.29 -1.05
N ALA A 6 -1.27 1.73 0.14
CA ALA A 6 -1.58 3.15 0.52
C ALA A 6 -1.04 4.10 -0.53
N GLN A 7 0.09 3.78 -1.10
CA GLN A 7 0.67 4.66 -2.17
C GLN A 7 0.59 3.95 -3.52
N GLY A 8 0.48 2.64 -3.51
CA GLY A 8 0.41 1.89 -4.80
C GLY A 8 1.76 1.26 -5.10
N MET A 9 2.33 0.58 -4.14
CA MET A 9 3.67 -0.06 -4.37
C MET A 9 3.51 -1.29 -5.27
N SER A 1 -0.17 -5.97 1.61
CA SER A 1 -0.80 -5.47 2.85
C SER A 1 -1.48 -4.12 2.60
N VAL A 2 -2.23 -3.62 3.55
CA VAL A 2 -2.92 -2.32 3.36
C VAL A 2 -1.88 -1.21 3.16
N ALA A 3 -0.97 -1.05 4.09
CA ALA A 3 0.06 0.01 3.95
C ALA A 3 0.87 -0.19 2.66
N GLY A 4 0.81 -1.37 2.09
CA GLY A 4 1.57 -1.63 0.83
C GLY A 4 0.86 -0.95 -0.33
N ARG A 5 -0.45 -0.86 -0.29
CA ARG A 5 -1.19 -0.21 -1.39
C ARG A 5 -1.56 1.24 -1.02
N ALA A 6 -1.27 1.65 0.19
CA ALA A 6 -1.60 3.05 0.60
C ALA A 6 -1.02 4.02 -0.44
N GLN A 7 0.10 3.68 -1.00
CA GLN A 7 0.73 4.54 -2.03
C GLN A 7 0.63 3.85 -3.39
N GLY A 8 0.42 2.55 -3.40
CA GLY A 8 0.32 1.82 -4.69
C GLY A 8 1.69 1.28 -5.08
N MET A 9 2.35 0.59 -4.19
CA MET A 9 3.70 0.03 -4.51
C MET A 9 3.63 -1.49 -4.62
N SER A 1 0.23 -5.79 3.06
CA SER A 1 -0.43 -5.07 4.19
C SER A 1 -1.23 -3.88 3.67
N VAL A 2 -1.91 -3.18 4.53
CA VAL A 2 -2.71 -2.01 4.08
C VAL A 2 -1.79 -0.94 3.48
N ALA A 3 -0.76 -0.56 4.20
CA ALA A 3 0.19 0.47 3.67
C ALA A 3 0.81 -0.02 2.36
N GLY A 4 0.73 -1.29 2.09
CA GLY A 4 1.33 -1.83 0.82
C GLY A 4 0.65 -1.18 -0.38
N ARG A 5 -0.64 -0.95 -0.29
CA ARG A 5 -1.37 -0.32 -1.43
C ARG A 5 -1.74 1.13 -1.10
N ALA A 6 -1.59 1.53 0.14
CA ALA A 6 -1.93 2.94 0.52
C ALA A 6 -1.23 3.91 -0.43
N GLN A 7 -0.06 3.56 -0.89
CA GLN A 7 0.68 4.44 -1.84
C GLN A 7 0.69 3.80 -3.23
N GLY A 8 0.55 2.50 -3.29
CA GLY A 8 0.56 1.81 -4.61
C GLY A 8 1.93 1.17 -4.84
N MET A 9 2.42 0.43 -3.88
CA MET A 9 3.74 -0.22 -4.04
C MET A 9 3.61 -1.74 -3.86
#